data_6W54
#
_entry.id   6W54
#
_cell.length_a   81.971
_cell.length_b   81.971
_cell.length_c   103.055
_cell.angle_alpha   90.000
_cell.angle_beta   90.000
_cell.angle_gamma   120.000
#
_symmetry.space_group_name_H-M   'H 3'
#
loop_
_entity.id
_entity.type
_entity.pdbx_description
1 polymer 'Gallate decarboxylase'
2 non-polymer 4-NITROCATECHOL
3 non-polymer 'POTASSIUM ION'
4 non-polymer 'COBALT (II) ION'
5 water water
#
_entity_poly.entity_id   1
_entity_poly.type   'polypeptide(L)'
_entity_poly.pdbx_seq_one_letter_code
;MTTSYEPWPQLYSHLNGTNEEVLDRMKVAELCKGWSVYRDASEWANFKEMFTPDANIWTTWSGAQTIDSFIQISKDGKDK
GAFIMHRECGTLVDLNPKTQRAIGKMKTTITQRFEYEGVPFDIDCDNYFIFFCLKDSNGDWKARWYKVFYVKDKFVPVGV
PTAENMEKLAKLFSKENLEQYPWGYQYLAVAQANLGYPIDKKLPTWKNELYHTMYDAMKEWMEGKEIDLHW
;
_entity_poly.pdbx_strand_id   A
#
loop_
_chem_comp.id
_chem_comp.type
_chem_comp.name
_chem_comp.formula
4NC non-polymer 4-NITROCATECHOL 'C6 H5 N O4'
CO non-polymer 'COBALT (II) ION' 'Co 2'
K non-polymer 'POTASSIUM ION' 'K 1'
#
# COMPACT_ATOMS: atom_id res chain seq x y z
N LEU A 11 -24.83 5.70 -1.01
CA LEU A 11 -25.46 6.12 0.23
C LEU A 11 -24.73 5.50 1.42
N TYR A 12 -23.42 5.65 1.39
CA TYR A 12 -22.59 5.15 2.47
C TYR A 12 -22.57 6.14 3.64
N SER A 13 -22.17 5.62 4.79
CA SER A 13 -21.86 6.43 5.96
C SER A 13 -20.38 6.76 5.95
N HIS A 14 -20.04 8.04 6.02
CA HIS A 14 -18.64 8.44 6.00
C HIS A 14 -18.36 9.72 6.77
N LEU A 15 -19.37 10.56 6.98
CA LEU A 15 -19.27 11.71 7.86
C LEU A 15 -20.52 11.76 8.72
N ASN A 16 -20.37 12.28 9.93
CA ASN A 16 -21.52 12.44 10.86
C ASN A 16 -22.14 11.06 11.07
N GLY A 17 -23.45 10.92 11.04
CA GLY A 17 -24.03 9.61 11.27
C GLY A 17 -24.31 9.35 12.73
N THR A 18 -24.78 8.14 13.00
CA THR A 18 -25.10 7.74 14.36
C THR A 18 -23.81 7.46 15.14
N ASN A 19 -23.94 7.42 16.47
CA ASN A 19 -22.79 7.13 17.31
C ASN A 19 -22.17 5.78 16.97
N GLU A 20 -23.00 4.76 16.71
CA GLU A 20 -22.45 3.46 16.35
C GLU A 20 -21.71 3.51 15.03
N GLU A 21 -22.24 4.27 14.05
CA GLU A 21 -21.52 4.47 12.80
C GLU A 21 -20.18 5.17 13.02
N VAL A 22 -20.16 6.23 13.82
CA VAL A 22 -18.89 6.90 14.12
C VAL A 22 -17.89 5.90 14.66
N LEU A 23 -18.33 5.08 15.63
CA LEU A 23 -17.40 4.18 16.29
C LEU A 23 -16.89 3.10 15.33
N ASP A 24 -17.76 2.60 14.46
CA ASP A 24 -17.31 1.69 13.40
C ASP A 24 -16.28 2.34 12.48
N ARG A 25 -16.51 3.58 12.07
CA ARG A 25 -15.53 4.25 11.21
C ARG A 25 -14.23 4.52 11.95
N MET A 26 -14.29 4.79 13.25
CA MET A 26 -13.06 4.95 14.02
C MET A 26 -12.28 3.65 14.03
N LYS A 27 -12.96 2.53 14.23
CA LYS A 27 -12.27 1.25 14.33
C LYS A 27 -11.65 0.85 13.01
N VAL A 28 -12.35 1.10 11.91
CA VAL A 28 -11.78 0.81 10.58
C VAL A 28 -10.59 1.72 10.29
N ALA A 29 -10.70 2.99 10.65
CA ALA A 29 -9.56 3.90 10.44
C ALA A 29 -8.32 3.43 11.20
N GLU A 30 -8.50 3.00 12.45
CA GLU A 30 -7.35 2.50 13.21
C GLU A 30 -6.73 1.28 12.52
N LEU A 31 -7.58 0.35 12.09
CA LEU A 31 -7.10 -0.84 11.39
C LEU A 31 -6.16 -0.47 10.25
N CYS A 32 -6.59 0.43 9.37
CA CYS A 32 -5.75 0.82 8.25
C CYS A 32 -4.41 1.38 8.73
N LYS A 33 -4.43 2.28 9.72
CA LYS A 33 -3.21 2.86 10.22
C LYS A 33 -2.25 1.85 10.78
N GLY A 34 -2.74 0.66 11.14
CA GLY A 34 -1.86 -0.40 11.59
C GLY A 34 -0.80 -0.78 10.56
N TRP A 35 -1.06 -0.53 9.27
CA TRP A 35 -0.01 -0.80 8.29
C TRP A 35 1.19 0.07 8.57
N SER A 36 0.95 1.37 8.75
CA SER A 36 2.04 2.30 8.99
C SER A 36 2.68 2.09 10.36
N VAL A 37 1.88 1.87 11.38
CA VAL A 37 2.44 1.76 12.73
C VAL A 37 3.09 0.39 12.95
N TYR A 38 2.39 -0.69 12.60
CA TYR A 38 2.88 -2.02 12.97
C TYR A 38 3.89 -2.58 11.97
N ARG A 39 3.67 -2.42 10.67
CA ARG A 39 4.61 -3.03 9.74
C ARG A 39 5.97 -2.37 9.87
N ASP A 40 6.01 -1.04 9.97
CA ASP A 40 7.30 -0.36 10.03
C ASP A 40 8.08 -0.78 11.26
N ALA A 41 7.39 -1.10 12.34
CA ALA A 41 7.99 -1.46 13.62
C ALA A 41 8.14 -2.97 13.80
N SER A 42 7.85 -3.74 12.75
CA SER A 42 7.85 -5.21 12.82
C SER A 42 7.04 -5.77 13.98
N GLU A 43 5.88 -5.16 14.25
CA GLU A 43 4.94 -5.69 15.22
C GLU A 43 3.99 -6.61 14.47
N TRP A 44 4.48 -7.84 14.20
CA TRP A 44 3.81 -8.70 13.23
C TRP A 44 2.52 -9.31 13.74
N ALA A 45 2.41 -9.59 15.06
CA ALA A 45 1.13 -10.07 15.58
C ALA A 45 0.07 -8.98 15.49
N ASN A 46 0.44 -7.73 15.82
CA ASN A 46 -0.52 -6.63 15.71
C ASN A 46 -0.92 -6.42 14.26
N PHE A 47 0.03 -6.54 13.34
CA PHE A 47 -0.25 -6.43 11.91
C PHE A 47 -1.22 -7.49 11.44
N LYS A 48 -0.98 -8.74 11.83
CA LYS A 48 -1.86 -9.81 11.38
CA LYS A 48 -1.85 -9.82 11.39
C LYS A 48 -3.29 -9.60 11.87
N GLU A 49 -3.45 -8.97 13.04
CA GLU A 49 -4.79 -8.74 13.58
C GLU A 49 -5.64 -7.81 12.72
N MET A 50 -5.02 -7.05 11.81
CA MET A 50 -5.79 -6.21 10.91
C MET A 50 -6.59 -7.01 9.90
N PHE A 51 -6.27 -8.29 9.70
CA PHE A 51 -6.69 -9.04 8.53
C PHE A 51 -7.48 -10.29 8.90
N THR A 52 -8.38 -10.68 7.96
CA THR A 52 -9.00 -11.99 8.03
C THR A 52 -7.92 -13.06 7.84
N PRO A 53 -8.18 -14.30 8.25
CA PRO A 53 -7.12 -15.33 8.12
C PRO A 53 -6.73 -15.59 6.69
N ASP A 54 -7.63 -15.34 5.74
CA ASP A 54 -7.42 -15.64 4.33
C ASP A 54 -7.22 -14.39 3.50
N ALA A 55 -6.83 -13.28 4.12
CA ALA A 55 -6.68 -12.02 3.42
C ALA A 55 -5.64 -12.12 2.31
N ASN A 56 -5.82 -11.30 1.29
CA ASN A 56 -4.89 -11.18 0.18
C ASN A 56 -4.40 -9.73 0.06
N ILE A 57 -3.11 -9.61 -0.25
CA ILE A 57 -2.38 -8.35 -0.29
C ILE A 57 -1.66 -8.27 -1.62
N TRP A 58 -1.54 -7.04 -2.15
CA TRP A 58 -0.70 -6.75 -3.31
C TRP A 58 0.25 -5.62 -2.96
N THR A 59 1.51 -5.74 -3.37
CA THR A 59 2.43 -4.62 -3.32
C THR A 59 3.26 -4.64 -4.59
N THR A 60 3.99 -3.54 -4.85
CA THR A 60 4.81 -3.50 -6.07
C THR A 60 5.87 -4.57 -6.06
N TRP A 61 6.49 -4.82 -4.90
CA TRP A 61 7.64 -5.72 -4.83
C TRP A 61 7.28 -7.18 -4.55
N SER A 62 6.07 -7.44 -4.08
CA SER A 62 5.63 -8.78 -3.75
C SER A 62 4.59 -9.33 -4.72
N GLY A 63 3.90 -8.46 -5.45
CA GLY A 63 2.75 -8.95 -6.19
C GLY A 63 1.74 -9.57 -5.22
N ALA A 64 0.91 -10.47 -5.75
CA ALA A 64 -0.16 -11.07 -4.95
C ALA A 64 0.40 -11.98 -3.88
N GLN A 65 -0.10 -11.83 -2.65
CA GLN A 65 0.30 -12.68 -1.53
C GLN A 65 -0.89 -12.91 -0.62
N THR A 66 -0.83 -13.99 0.15
CA THR A 66 -1.72 -14.08 1.30
C THR A 66 -1.13 -13.29 2.46
N ILE A 67 -1.94 -13.02 3.47
CA ILE A 67 -1.41 -12.30 4.63
C ILE A 67 -0.26 -13.07 5.26
N ASP A 68 -0.38 -14.40 5.39
CA ASP A 68 0.70 -15.14 6.03
C ASP A 68 1.95 -15.16 5.15
N SER A 69 1.79 -15.36 3.85
CA SER A 69 2.96 -15.39 2.98
C SER A 69 3.62 -14.01 2.92
N PHE A 70 2.81 -12.95 2.97
CA PHE A 70 3.35 -11.60 2.95
C PHE A 70 4.16 -11.32 4.21
N ILE A 71 3.67 -11.78 5.36
CA ILE A 71 4.41 -11.56 6.60
C ILE A 71 5.76 -12.29 6.52
N GLN A 72 5.76 -13.54 6.03
CA GLN A 72 7.02 -14.28 5.95
C GLN A 72 8.02 -13.60 5.02
N ILE A 73 7.59 -13.22 3.81
CA ILE A 73 8.53 -12.61 2.87
C ILE A 73 8.96 -11.23 3.32
N SER A 74 8.10 -10.49 4.06
CA SER A 74 8.53 -9.21 4.61
C SER A 74 9.60 -9.38 5.67
N LYS A 75 9.40 -10.35 6.56
CA LYS A 75 10.44 -10.67 7.52
C LYS A 75 11.75 -10.97 6.82
N ASP A 76 11.68 -11.80 5.77
CA ASP A 76 12.89 -12.18 5.04
C ASP A 76 13.59 -10.95 4.48
N GLY A 77 12.81 -10.06 3.88
CA GLY A 77 13.39 -8.87 3.28
C GLY A 77 14.01 -7.94 4.31
N LYS A 78 13.32 -7.73 5.44
CA LYS A 78 13.90 -6.91 6.50
C LYS A 78 15.21 -7.51 7.01
N ASP A 79 15.25 -8.83 7.20
CA ASP A 79 16.49 -9.47 7.63
C ASP A 79 17.61 -9.23 6.64
N LYS A 80 17.29 -9.07 5.37
CA LYS A 80 18.28 -8.81 4.34
C LYS A 80 18.58 -7.32 4.18
N GLY A 81 17.92 -6.46 4.91
CA GLY A 81 18.20 -5.05 4.89
C GLY A 81 17.22 -4.18 4.13
N ALA A 82 16.11 -4.73 3.63
CA ALA A 82 15.08 -3.89 3.04
C ALA A 82 14.55 -2.94 4.09
N PHE A 83 14.33 -1.67 3.70
CA PHE A 83 14.06 -0.59 4.66
C PHE A 83 12.94 0.28 4.09
N ILE A 84 11.71 -0.17 4.32
CA ILE A 84 10.50 0.49 3.85
C ILE A 84 9.76 1.05 5.06
N MET A 85 9.34 2.29 4.94
CA MET A 85 8.51 2.95 5.93
C MET A 85 7.32 3.58 5.20
N HIS A 86 6.33 3.98 5.99
CA HIS A 86 5.11 4.56 5.50
C HIS A 86 4.90 5.81 6.32
N ARG A 87 4.43 6.85 5.65
CA ARG A 87 3.88 8.02 6.33
C ARG A 87 2.40 8.09 6.01
N GLU A 88 1.56 8.01 7.04
CA GLU A 88 0.12 8.11 6.83
C GLU A 88 -0.29 9.57 6.65
N CYS A 89 -1.13 9.82 5.64
CA CYS A 89 -1.35 11.15 5.05
C CYS A 89 -2.83 11.51 4.93
N GLY A 90 -3.70 10.81 5.65
CA GLY A 90 -5.13 11.07 5.65
C GLY A 90 -5.99 9.85 5.44
N THR A 91 -6.80 9.49 6.44
CA THR A 91 -7.57 8.24 6.41
C THR A 91 -9.03 8.53 6.74
N LEU A 92 -9.93 8.02 5.90
CA LEU A 92 -11.37 8.08 6.12
C LEU A 92 -11.97 6.74 5.68
N VAL A 93 -13.24 6.57 5.96
CA VAL A 93 -13.90 5.27 5.83
C VAL A 93 -15.25 5.46 5.17
N ASP A 94 -15.56 4.60 4.21
CA ASP A 94 -16.91 4.46 3.69
C ASP A 94 -17.52 3.20 4.33
N LEU A 95 -18.68 3.36 4.95
CA LEU A 95 -19.28 2.29 5.75
C LEU A 95 -20.68 2.00 5.22
N ASN A 96 -20.98 0.71 5.05
CA ASN A 96 -22.36 0.34 4.74
C ASN A 96 -22.89 -0.45 5.93
N PRO A 97 -23.66 0.17 6.83
CA PRO A 97 -24.11 -0.58 8.02
C PRO A 97 -25.03 -1.74 7.69
N LYS A 98 -25.72 -1.71 6.55
CA LYS A 98 -26.67 -2.75 6.21
C LYS A 98 -25.96 -4.05 5.87
N THR A 99 -24.79 -3.98 5.23
CA THR A 99 -24.05 -5.16 4.82
C THR A 99 -22.85 -5.44 5.71
N GLN A 100 -22.59 -4.58 6.68
CA GLN A 100 -21.45 -4.78 7.57
C GLN A 100 -20.16 -4.78 6.76
N ARG A 101 -20.08 -3.88 5.78
CA ARG A 101 -18.92 -3.78 4.90
C ARG A 101 -18.37 -2.36 4.96
N ALA A 102 -17.06 -2.23 4.77
CA ALA A 102 -16.47 -0.90 4.73
C ALA A 102 -15.25 -0.88 3.83
N ILE A 103 -14.96 0.31 3.30
CA ILE A 103 -13.73 0.59 2.57
C ILE A 103 -12.96 1.61 3.39
N GLY A 104 -11.74 1.23 3.80
CA GLY A 104 -10.82 2.17 4.43
C GLY A 104 -9.93 2.76 3.36
N LYS A 105 -9.87 4.09 3.30
CA LYS A 105 -9.07 4.83 2.33
C LYS A 105 -7.98 5.55 3.11
N MET A 106 -6.76 5.05 3.00
CA MET A 106 -5.64 5.59 3.76
C MET A 106 -4.56 6.13 2.81
N LYS A 107 -4.52 7.44 2.67
CA LYS A 107 -3.44 8.05 1.91
C LYS A 107 -2.10 7.77 2.61
N THR A 108 -1.07 7.45 1.84
CA THR A 108 0.24 7.34 2.45
C THR A 108 1.32 7.84 1.49
N THR A 109 2.51 8.03 2.06
CA THR A 109 3.76 7.99 1.28
C THR A 109 4.50 6.72 1.65
N ILE A 110 4.75 5.87 0.67
CA ILE A 110 5.75 4.80 0.83
C ILE A 110 7.10 5.45 0.69
N THR A 111 7.98 5.26 1.69
CA THR A 111 9.32 5.85 1.63
C THR A 111 10.33 4.74 1.90
N GLN A 112 11.09 4.39 0.87
CA GLN A 112 12.03 3.28 0.95
C GLN A 112 13.44 3.83 0.76
N ARG A 113 14.35 3.37 1.60
CA ARG A 113 15.75 3.80 1.62
C ARG A 113 16.60 2.80 0.86
N PHE A 114 17.39 3.32 -0.07
CA PHE A 114 18.20 2.56 -1.00
C PHE A 114 19.62 3.11 -1.00
N GLU A 115 20.49 2.42 -1.72
CA GLU A 115 21.88 2.86 -1.92
C GLU A 115 22.31 2.40 -3.31
N TYR A 116 23.01 3.27 -4.03
CA TYR A 116 23.57 2.92 -5.34
C TYR A 116 24.98 3.48 -5.44
N GLU A 117 25.95 2.62 -5.75
CA GLU A 117 27.34 3.04 -5.86
C GLU A 117 27.75 3.91 -4.66
N GLY A 118 27.35 3.47 -3.46
CA GLY A 118 27.74 4.13 -2.23
C GLY A 118 26.96 5.37 -1.87
N VAL A 119 25.94 5.75 -2.63
CA VAL A 119 25.20 6.98 -2.36
C VAL A 119 23.81 6.59 -1.85
N PRO A 120 23.43 7.00 -0.64
CA PRO A 120 22.06 6.72 -0.16
C PRO A 120 21.03 7.65 -0.79
N PHE A 121 19.81 7.12 -0.91
CA PHE A 121 18.68 7.90 -1.41
C PHE A 121 17.39 7.22 -0.98
N ASP A 122 16.32 7.99 -0.98
CA ASP A 122 14.97 7.48 -0.79
C ASP A 122 14.22 7.57 -2.12
N ILE A 123 13.21 6.72 -2.26
CA ILE A 123 12.12 6.97 -3.20
C ILE A 123 10.86 7.13 -2.36
N ASP A 124 10.11 8.18 -2.63
CA ASP A 124 8.86 8.48 -1.92
C ASP A 124 7.71 8.44 -2.92
N CYS A 125 6.72 7.58 -2.65
CA CYS A 125 5.59 7.37 -3.56
C CYS A 125 4.28 7.66 -2.82
N ASP A 126 3.55 8.67 -3.29
CA ASP A 126 2.25 9.02 -2.74
C ASP A 126 1.17 8.16 -3.37
N ASN A 127 0.22 7.70 -2.52
CA ASN A 127 -0.71 6.67 -2.96
C ASN A 127 -1.93 6.68 -2.06
N TYR A 128 -2.92 5.84 -2.41
CA TYR A 128 -4.02 5.49 -1.51
C TYR A 128 -3.96 4.00 -1.23
N PHE A 129 -3.87 3.63 0.04
CA PHE A 129 -4.03 2.24 0.45
C PHE A 129 -5.53 1.98 0.62
N ILE A 130 -6.05 0.92 0.00
CA ILE A 130 -7.48 0.61 0.05
C ILE A 130 -7.66 -0.71 0.78
N PHE A 131 -8.36 -0.67 1.91
CA PHE A 131 -8.63 -1.84 2.73
C PHE A 131 -10.11 -2.21 2.59
N PHE A 132 -10.35 -3.43 2.09
CA PHE A 132 -11.71 -3.94 1.89
C PHE A 132 -12.06 -4.71 3.16
N CYS A 133 -12.90 -4.10 4.00
CA CYS A 133 -13.15 -4.62 5.33
C CYS A 133 -14.58 -5.12 5.53
N LEU A 134 -14.72 -6.02 6.50
CA LEU A 134 -16.00 -6.60 6.88
C LEU A 134 -15.99 -6.76 8.39
N LYS A 135 -17.17 -6.78 8.98
CA LYS A 135 -17.33 -7.09 10.40
C LYS A 135 -17.58 -8.59 10.53
N ASP A 136 -16.72 -9.26 11.28
CA ASP A 136 -16.73 -10.72 11.31
C ASP A 136 -17.68 -11.23 12.38
N SER A 137 -17.62 -12.54 12.65
CA SER A 137 -18.51 -13.24 13.57
C SER A 137 -18.41 -12.71 15.00
N ASN A 138 -17.27 -12.16 15.37
CA ASN A 138 -17.10 -11.59 16.71
C ASN A 138 -17.50 -10.12 16.77
N GLY A 139 -17.99 -9.57 15.68
CA GLY A 139 -18.24 -8.14 15.61
C GLY A 139 -17.01 -7.30 15.43
N ASP A 140 -15.90 -7.90 14.96
CA ASP A 140 -14.66 -7.18 14.77
C ASP A 140 -14.48 -6.82 13.30
N TRP A 141 -13.95 -5.62 13.06
CA TRP A 141 -13.57 -5.22 11.71
C TRP A 141 -12.25 -5.85 11.34
N LYS A 142 -12.18 -6.36 10.10
CA LYS A 142 -10.99 -7.01 9.57
C LYS A 142 -10.93 -6.73 8.07
N ALA A 143 -9.73 -6.65 7.53
CA ALA A 143 -9.53 -6.48 6.10
C ALA A 143 -9.38 -7.83 5.41
N ARG A 144 -10.22 -8.06 4.39
CA ARG A 144 -10.12 -9.27 3.57
C ARG A 144 -9.28 -9.06 2.32
N TRP A 145 -9.23 -7.83 1.82
CA TRP A 145 -8.43 -7.51 0.63
C TRP A 145 -7.72 -6.18 0.87
N TYR A 146 -6.51 -6.06 0.31
CA TYR A 146 -5.73 -4.83 0.37
C TYR A 146 -5.07 -4.65 -1.00
N LYS A 147 -5.23 -3.46 -1.57
CA LYS A 147 -4.55 -3.08 -2.81
C LYS A 147 -4.39 -1.56 -2.77
N VAL A 148 -3.54 -1.06 -3.63
CA VAL A 148 -3.09 0.34 -3.60
C VAL A 148 -3.32 1.02 -4.93
N PHE A 149 -3.73 2.30 -4.89
CA PHE A 149 -3.67 3.20 -6.05
C PHE A 149 -2.39 4.03 -5.93
N TYR A 150 -1.49 3.91 -6.90
CA TYR A 150 -0.21 4.62 -6.91
C TYR A 150 -0.38 5.94 -7.69
N VAL A 151 -0.14 7.07 -7.04
CA VAL A 151 -0.47 8.37 -7.61
C VAL A 151 0.73 9.07 -8.24
N LYS A 152 1.81 9.26 -7.47
CA LYS A 152 3.01 9.90 -7.99
C LYS A 152 4.19 9.51 -7.14
N ASP A 153 5.38 9.59 -7.75
CA ASP A 153 6.59 9.32 -6.99
C ASP A 153 7.76 10.20 -7.42
N LYS A 154 8.82 10.14 -6.61
CA LYS A 154 9.98 11.01 -6.81
C LYS A 154 11.23 10.38 -6.23
N PHE A 155 12.36 10.80 -6.80
CA PHE A 155 13.67 10.55 -6.20
C PHE A 155 13.91 11.54 -5.07
N VAL A 156 14.48 11.06 -3.96
CA VAL A 156 14.70 11.90 -2.79
C VAL A 156 16.17 11.81 -2.37
N PRO A 157 16.97 12.86 -2.52
CA PRO A 157 18.34 12.79 -2.02
C PRO A 157 18.35 12.64 -0.50
N VAL A 158 19.35 11.95 0.01
CA VAL A 158 19.54 11.82 1.46
C VAL A 158 20.69 12.70 1.94
N GLY A 159 21.86 12.55 1.34
CA GLY A 159 22.95 13.47 1.62
C GLY A 159 22.83 14.71 0.77
N VAL A 160 23.69 15.67 1.06
CA VAL A 160 23.70 16.89 0.26
C VAL A 160 23.87 16.51 -1.20
N PRO A 161 22.98 16.94 -2.12
CA PRO A 161 23.05 16.48 -3.53
C PRO A 161 24.07 17.26 -4.37
N THR A 162 25.34 16.90 -4.16
CA THR A 162 26.45 17.41 -4.94
C THR A 162 26.41 16.82 -6.35
N ALA A 163 27.06 17.55 -7.28
CA ALA A 163 26.96 17.20 -8.69
C ALA A 163 27.49 15.81 -8.98
N GLU A 164 28.60 15.41 -8.36
CA GLU A 164 29.19 14.13 -8.70
C GLU A 164 28.33 12.95 -8.26
N ASN A 165 27.76 13.02 -7.05
CA ASN A 165 26.90 11.92 -6.61
C ASN A 165 25.64 11.83 -7.43
N MET A 166 25.10 12.97 -7.88
CA MET A 166 23.88 12.89 -8.68
C MET A 166 24.17 12.35 -10.07
N GLU A 167 25.40 12.53 -10.60
CA GLU A 167 25.70 11.96 -11.91
C GLU A 167 25.64 10.43 -11.89
N LYS A 168 26.16 9.81 -10.82
CA LYS A 168 26.08 8.36 -10.72
C LYS A 168 24.64 7.87 -10.64
N LEU A 169 23.82 8.50 -9.80
CA LEU A 169 22.45 8.06 -9.64
C LEU A 169 21.64 8.25 -10.91
N ALA A 170 21.98 9.25 -11.72
CA ALA A 170 21.23 9.47 -12.96
C ALA A 170 21.36 8.30 -13.92
N LYS A 171 22.41 7.48 -13.78
CA LYS A 171 22.53 6.31 -14.64
CA LYS A 171 22.53 6.31 -14.64
C LYS A 171 21.46 5.27 -14.32
N LEU A 172 21.06 5.17 -13.06
CA LEU A 172 20.03 4.21 -12.70
C LEU A 172 18.65 4.69 -13.12
N PHE A 173 18.37 5.97 -12.94
CA PHE A 173 17.04 6.51 -13.22
C PHE A 173 16.97 7.15 -14.60
N SER A 174 17.39 6.36 -15.60
CA SER A 174 17.31 6.80 -16.96
C SER A 174 15.86 6.84 -17.43
N LYS A 175 15.59 7.67 -18.44
CA LYS A 175 14.22 7.75 -18.95
C LYS A 175 13.75 6.38 -19.45
N GLU A 176 14.65 5.60 -20.06
CA GLU A 176 14.25 4.30 -20.58
C GLU A 176 13.87 3.34 -19.45
N ASN A 177 14.57 3.42 -18.32
CA ASN A 177 14.27 2.54 -17.19
C ASN A 177 12.94 2.92 -16.53
N LEU A 178 12.74 4.22 -16.29
CA LEU A 178 11.48 4.69 -15.70
C LEU A 178 10.28 4.30 -16.56
N GLU A 179 10.42 4.43 -17.88
CA GLU A 179 9.30 4.19 -18.76
C GLU A 179 8.88 2.73 -18.82
N GLN A 180 9.60 1.81 -18.18
CA GLN A 180 9.19 0.43 -18.17
C GLN A 180 7.98 0.19 -17.29
N TYR A 181 7.68 1.12 -16.39
CA TYR A 181 6.72 0.94 -15.32
C TYR A 181 5.57 1.92 -15.40
N PRO A 182 4.44 1.60 -14.76
CA PRO A 182 3.31 2.53 -14.79
C PRO A 182 3.66 3.85 -14.11
N TRP A 183 3.29 4.95 -14.78
CA TRP A 183 3.47 6.26 -14.21
C TRP A 183 2.67 6.35 -12.91
N GLY A 184 3.38 6.66 -11.85
CA GLY A 184 2.81 6.66 -10.52
C GLY A 184 3.72 5.93 -9.56
N TYR A 185 4.41 4.89 -10.05
CA TYR A 185 5.39 4.21 -9.24
C TYR A 185 6.68 3.89 -9.99
N GLN A 186 7.01 4.68 -11.02
CA GLN A 186 8.17 4.36 -11.84
C GLN A 186 9.48 4.44 -11.05
N TYR A 187 9.68 5.48 -10.24
CA TYR A 187 10.94 5.59 -9.48
C TYR A 187 11.05 4.47 -8.47
N LEU A 188 9.95 4.17 -7.78
CA LEU A 188 9.96 3.10 -6.78
C LEU A 188 10.26 1.76 -7.43
N ALA A 189 9.66 1.50 -8.59
CA ALA A 189 9.88 0.26 -9.33
C ALA A 189 11.33 0.12 -9.78
N VAL A 190 11.91 1.20 -10.33
CA VAL A 190 13.31 1.15 -10.75
C VAL A 190 14.21 0.78 -9.58
N ALA A 191 13.99 1.43 -8.44
CA ALA A 191 14.85 1.24 -7.28
C ALA A 191 14.67 -0.14 -6.69
N GLN A 192 13.42 -0.62 -6.61
CA GLN A 192 13.18 -1.96 -6.08
C GLN A 192 13.71 -3.04 -7.03
N ALA A 193 13.54 -2.85 -8.35
CA ALA A 193 14.09 -3.82 -9.30
C ALA A 193 15.62 -3.86 -9.23
N ASN A 194 16.27 -2.71 -8.97
CA ASN A 194 17.72 -2.70 -8.82
C ASN A 194 18.16 -3.50 -7.60
N LEU A 195 17.30 -3.62 -6.60
CA LEU A 195 17.55 -4.45 -5.44
C LEU A 195 17.33 -5.92 -5.72
N GLY A 196 16.67 -6.25 -6.83
CA GLY A 196 16.40 -7.63 -7.19
C GLY A 196 14.95 -8.06 -7.04
N TYR A 197 14.06 -7.15 -6.67
CA TYR A 197 12.67 -7.55 -6.51
C TYR A 197 12.01 -7.70 -7.87
N PRO A 198 11.12 -8.68 -8.03
CA PRO A 198 10.17 -8.63 -9.15
C PRO A 198 9.23 -7.46 -8.90
N ILE A 199 8.78 -6.85 -9.98
CA ILE A 199 7.85 -5.72 -9.87
C ILE A 199 6.54 -6.09 -10.55
N ASP A 200 5.44 -5.93 -9.80
CA ASP A 200 4.09 -6.11 -10.35
C ASP A 200 3.73 -4.86 -11.14
N LYS A 201 3.59 -5.00 -12.46
CA LYS A 201 3.28 -3.88 -13.34
C LYS A 201 1.79 -3.72 -13.59
N LYS A 202 0.95 -4.49 -12.92
CA LYS A 202 -0.50 -4.51 -13.15
C LYS A 202 -1.25 -3.97 -11.93
N LEU A 203 -0.74 -2.91 -11.33
CA LEU A 203 -1.38 -2.29 -10.19
C LEU A 203 -2.05 -0.98 -10.62
N PRO A 204 -3.06 -0.55 -9.88
CA PRO A 204 -3.83 0.64 -10.30
C PRO A 204 -3.05 1.92 -10.06
N THR A 205 -3.15 2.85 -11.00
CA THR A 205 -2.65 4.20 -10.79
C THR A 205 -3.79 5.17 -11.01
N TRP A 206 -3.46 6.46 -11.02
CA TRP A 206 -4.42 7.47 -11.43
C TRP A 206 -4.35 7.83 -12.91
N LYS A 207 -3.63 7.02 -13.71
CA LYS A 207 -3.57 7.23 -15.15
C LYS A 207 -4.00 6.01 -15.96
N ASN A 208 -3.86 4.80 -15.44
CA ASN A 208 -4.12 3.60 -16.23
C ASN A 208 -5.57 3.14 -16.07
N GLU A 209 -5.92 2.07 -16.77
CA GLU A 209 -7.30 1.60 -16.81
C GLU A 209 -7.70 0.83 -15.57
N LEU A 210 -6.73 0.29 -14.83
CA LEU A 210 -7.04 -0.44 -13.60
C LEU A 210 -7.63 0.45 -12.53
N TYR A 211 -7.49 1.78 -12.66
CA TYR A 211 -8.20 2.72 -11.80
C TYR A 211 -9.68 2.36 -11.74
N HIS A 212 -10.29 2.08 -12.89
CA HIS A 212 -11.72 1.84 -12.96
C HIS A 212 -12.08 0.45 -12.44
N THR A 213 -11.26 -0.56 -12.75
CA THR A 213 -11.50 -1.89 -12.18
C THR A 213 -11.47 -1.85 -10.65
N MET A 214 -10.61 -1.00 -10.08
CA MET A 214 -10.54 -0.86 -8.63
C MET A 214 -11.83 -0.29 -8.07
N TYR A 215 -12.30 0.84 -8.63
CA TYR A 215 -13.50 1.47 -8.10
C TYR A 215 -14.72 0.58 -8.26
N ASP A 216 -14.74 -0.26 -9.30
CA ASP A 216 -15.85 -1.19 -9.47
C ASP A 216 -15.84 -2.26 -8.39
N ALA A 217 -14.65 -2.79 -8.06
CA ALA A 217 -14.55 -3.78 -7.00
C ALA A 217 -14.94 -3.18 -5.65
N MET A 218 -14.61 -1.91 -5.43
CA MET A 218 -14.96 -1.28 -4.17
C MET A 218 -16.49 -1.15 -4.04
N LYS A 219 -17.17 -0.78 -5.12
CA LYS A 219 -18.63 -0.69 -5.09
C LYS A 219 -19.26 -2.05 -4.80
N GLU A 220 -18.80 -3.11 -5.48
CA GLU A 220 -19.39 -4.43 -5.28
C GLU A 220 -19.14 -4.93 -3.86
N TRP A 221 -17.94 -4.70 -3.32
CA TRP A 221 -17.66 -5.05 -1.93
C TRP A 221 -18.67 -4.41 -0.99
N MET A 222 -18.97 -3.13 -1.21
CA MET A 222 -19.83 -2.42 -0.27
C MET A 222 -21.25 -2.95 -0.34
N GLU A 223 -21.66 -3.45 -1.50
CA GLU A 223 -22.96 -4.06 -1.68
C GLU A 223 -23.05 -5.44 -1.04
N GLY A 224 -21.98 -5.95 -0.45
CA GLY A 224 -22.01 -7.26 0.18
C GLY A 224 -21.63 -8.41 -0.72
N LYS A 225 -21.15 -8.15 -1.92
CA LYS A 225 -20.82 -9.20 -2.88
C LYS A 225 -19.39 -9.68 -2.68
N GLU A 226 -19.12 -10.86 -3.24
CA GLU A 226 -17.75 -11.35 -3.34
C GLU A 226 -17.04 -10.67 -4.51
N ILE A 227 -15.74 -10.49 -4.36
CA ILE A 227 -14.89 -9.91 -5.39
C ILE A 227 -13.65 -10.79 -5.53
N ASP A 228 -12.79 -10.43 -6.48
CA ASP A 228 -11.49 -11.10 -6.60
C ASP A 228 -10.55 -10.14 -7.31
N LEU A 229 -9.53 -9.67 -6.60
CA LEU A 229 -8.57 -8.71 -7.13
C LEU A 229 -7.41 -9.36 -7.85
N HIS A 230 -7.42 -10.69 -7.98
CA HIS A 230 -6.40 -11.43 -8.69
C HIS A 230 -6.55 -11.17 -10.19
N TRP A 231 -5.92 -10.12 -10.70
CA TRP A 231 -6.04 -9.77 -12.12
C TRP A 231 -4.89 -10.41 -12.91
C1 4NC B . 3.87 -1.22 -1.94
C2 4NC B . 5.20 -1.30 -1.58
C3 4NC B . 5.58 -1.56 -0.29
C4 4NC B . 4.58 -1.69 0.67
C5 4NC B . 3.24 -1.63 0.33
C6 4NC B . 2.86 -1.37 -0.98
O7 4NC B . 3.53 -1.05 -3.25
O8 4NC B . 6.20 -1.08 -2.54
N9 4NC B . 5.01 -2.09 1.97
O10 4NC B . 4.26 -2.37 2.86
O11 4NC B . 6.33 -2.41 2.11
K K C . -1.43 11.86 9.34
CO CO D . -4.15 -7.70 19.65
#